data_2EVJ
#
_entry.id   2EVJ
#
_cell.length_a   69.626
_cell.length_b   79.039
_cell.length_c   161.684
_cell.angle_alpha   90.00
_cell.angle_beta   90.00
_cell.angle_gamma   90.00
#
_symmetry.space_group_name_H-M   'C 2 2 21'
#
loop_
_entity.id
_entity.type
_entity.pdbx_description
1 polymer "5'-D(*TP*GP*CP*GP*AP*CP*AP*CP*AP*AP*AP*CP*AP*C)-3'"
2 polymer "5'-D(*AP*GP*TP*GP*TP*TP*TP*GP*TP*GP*TP*CP*GP*C)-3'"
3 polymer 'NDT80 protein'
4 water water
#
loop_
_entity_poly.entity_id
_entity_poly.type
_entity_poly.pdbx_seq_one_letter_code
_entity_poly.pdbx_strand_id
1 'polydeoxyribonucleotide' (DT)(DG)(DC)(DG)(DA)(DC)(DA)(DC)(DA)(DA)(DA)(DC)(DA)(DC) B
2 'polydeoxyribonucleotide' (DA)(DG)(DT)(DG)(DT)(DT)(DT)(DG)(DT)(DG)(DT)(DC)(DG)(DC) C
3 'polypeptide(L)'
;GPLGSMNEMENTDPVLQDDLVSKYERELSTEQEEDTPVILTQLNEDGTTSNYFDKRKLKIAPRSTLQFKVGPPFELVRDY
CPVVESHTGRTLDLRIIPRIDRGFDHIDEEWVGYKRNYFTLVSTFETANCDLDTFLKSSFDLLVEDSSVEGRLRVQYFAI
KIKAKNDDDDTEINLVQHTAKRDKGPQFCPSVCPLVPSPLPKHQTIREASNVRNITKMKKYDSTFYLHRDHVNYEEYGVD
SLLFSYPEDSIQKVARYERVQFASSISVKKPSQQNKHFSLHVILGAVVDPDTFHGENPGIPYDELALKNGSKGMFVYLQE
MKTPPLIIRGRSPSNYASSQRITVR
;
A
#
loop_
_chem_comp.id
_chem_comp.type
_chem_comp.name
_chem_comp.formula
DA DNA linking 2'-DEOXYADENOSINE-5'-MONOPHOSPHATE 'C10 H14 N5 O6 P'
DC DNA linking 2'-DEOXYCYTIDINE-5'-MONOPHOSPHATE 'C9 H14 N3 O7 P'
DG DNA linking 2'-DEOXYGUANOSINE-5'-MONOPHOSPHATE 'C10 H14 N5 O7 P'
DT DNA linking THYMIDINE-5'-MONOPHOSPHATE 'C10 H15 N2 O8 P'
#
# COMPACT_ATOMS: atom_id res chain seq x y z
N VAL C 38 24.93 14.97 -9.48
CA VAL C 38 24.97 13.50 -9.23
C VAL C 38 23.90 13.09 -8.21
N ILE C 39 23.83 13.78 -7.06
CA ILE C 39 22.75 13.56 -6.08
C ILE C 39 21.89 14.80 -5.95
N LEU C 40 20.60 14.69 -6.20
CA LEU C 40 19.67 15.80 -6.00
C LEU C 40 18.83 15.53 -4.77
N THR C 41 18.75 16.53 -3.91
CA THR C 41 18.17 16.37 -2.60
C THR C 41 16.91 17.20 -2.48
N GLN C 42 15.84 16.56 -2.01
CA GLN C 42 14.60 17.23 -1.64
C GLN C 42 14.33 16.97 -0.16
N LEU C 43 13.80 17.98 0.52
CA LEU C 43 13.46 17.89 1.93
C LEU C 43 12.10 17.23 2.07
N ASN C 44 12.01 16.17 2.87
CA ASN C 44 10.73 15.49 3.10
C ASN C 44 9.89 16.26 4.10
N GLU C 45 8.65 15.83 4.27
CA GLU C 45 7.71 16.49 5.18
C GLU C 45 8.18 16.43 6.62
N ASP C 46 8.83 15.33 7.00
CA ASP C 46 9.31 15.12 8.37
C ASP C 46 10.76 15.60 8.62
N GLY C 47 11.36 16.22 7.62
CA GLY C 47 12.71 16.76 7.76
C GLY C 47 13.84 15.83 7.37
N THR C 48 13.53 14.57 7.05
CA THR C 48 14.51 13.69 6.44
C THR C 48 14.69 14.18 5.02
N THR C 49 15.63 13.59 4.28
CA THR C 49 15.81 13.92 2.89
C THR C 49 15.58 12.75 1.98
N SER C 50 15.14 13.09 0.77
CA SER C 50 15.13 12.16 -0.33
C SER C 50 16.27 12.58 -1.22
N ASN C 51 17.11 11.61 -1.52
CA ASN C 51 18.32 11.82 -2.28
C ASN C 51 18.23 10.99 -3.56
N TYR C 52 17.94 11.68 -4.65
CA TYR C 52 17.75 11.03 -5.92
C TYR C 52 19.06 10.93 -6.66
N PHE C 53 19.42 9.71 -7.05
CA PHE C 53 20.59 9.52 -7.90
C PHE C 53 20.34 8.43 -8.95
N ASP C 54 21.13 8.49 -10.01
CA ASP C 54 20.99 7.63 -11.16
C ASP C 54 21.96 6.47 -11.01
N LYS C 55 21.43 5.25 -10.87
CA LYS C 55 22.28 4.08 -10.66
C LYS C 55 23.13 3.70 -11.89
N ARG C 56 22.81 4.29 -13.04
CA ARG C 56 23.69 4.23 -14.20
C ARG C 56 25.00 4.98 -14.00
N LYS C 57 24.99 5.97 -13.10
CA LYS C 57 26.12 6.86 -12.93
C LYS C 57 26.81 6.74 -11.57
N LEU C 58 26.06 6.32 -10.56
CA LEU C 58 26.53 6.29 -9.17
C LEU C 58 26.05 5.02 -8.47
N LYS C 59 26.99 4.24 -7.96
CA LYS C 59 26.68 3.08 -7.13
C LYS C 59 26.83 3.40 -5.65
N ILE C 60 25.76 3.17 -4.91
CA ILE C 60 25.70 3.38 -3.47
C ILE C 60 25.48 2.03 -2.79
N ALA C 61 25.95 1.89 -1.56
CA ALA C 61 25.84 0.64 -0.81
C ALA C 61 24.39 0.23 -0.65
N PRO C 62 24.13 -1.08 -0.63
CA PRO C 62 22.75 -1.59 -0.48
C PRO C 62 21.98 -1.06 0.73
N ARG C 63 22.65 -0.87 1.86
CA ARG C 63 22.02 -0.49 3.10
C ARG C 63 22.18 1.00 3.47
N SER C 64 22.79 1.76 2.57
CA SER C 64 22.91 3.21 2.79
C SER C 64 21.52 3.82 2.95
N THR C 65 21.40 4.80 3.85
CA THR C 65 20.13 5.53 3.99
C THR C 65 19.76 6.27 2.70
N LEU C 66 20.72 6.48 1.80
CA LEU C 66 20.42 7.08 0.50
C LEU C 66 19.54 6.21 -0.39
N GLN C 67 19.36 4.92 -0.05
CA GLN C 67 18.41 4.07 -0.79
C GLN C 67 16.97 4.31 -0.37
N PHE C 68 16.78 4.93 0.80
CA PHE C 68 15.45 5.32 1.25
C PHE C 68 15.14 6.71 0.72
N LYS C 69 13.99 6.83 0.07
CA LYS C 69 13.51 8.11 -0.42
C LYS C 69 12.04 8.03 -0.79
N VAL C 70 11.37 9.16 -0.72
CA VAL C 70 9.96 9.27 -1.08
C VAL C 70 9.85 9.21 -2.60
N GLY C 71 8.92 8.39 -3.08
CA GLY C 71 8.73 8.18 -4.49
C GLY C 71 7.66 9.13 -5.02
N PRO C 72 7.06 8.77 -6.14
CA PRO C 72 6.12 9.66 -6.79
C PRO C 72 4.84 9.89 -5.96
N PRO C 73 4.25 11.07 -6.03
CA PRO C 73 2.98 11.36 -5.34
C PRO C 73 1.86 10.59 -6.02
N PHE C 74 0.82 10.23 -5.27
CA PHE C 74 -0.29 9.48 -5.85
C PHE C 74 -1.39 10.46 -6.18
N GLU C 75 -2.24 10.10 -7.14
CA GLU C 75 -3.38 10.91 -7.56
C GLU C 75 -4.65 10.04 -7.56
N LEU C 76 -5.80 10.68 -7.34
CA LEU C 76 -7.07 9.98 -7.37
C LEU C 76 -7.37 9.48 -8.77
N VAL C 77 -7.77 8.21 -8.86
CA VAL C 77 -8.28 7.66 -10.11
C VAL C 77 -9.78 7.87 -10.09
N ARG C 78 -10.46 7.31 -9.10
CA ARG C 78 -11.87 7.63 -8.84
C ARG C 78 -12.38 7.10 -7.51
N ASP C 79 -13.57 7.58 -7.17
CA ASP C 79 -14.36 7.05 -6.09
C ASP C 79 -15.40 6.13 -6.67
N TYR C 80 -15.73 5.08 -5.94
CA TYR C 80 -16.63 4.07 -6.41
C TYR C 80 -17.87 4.03 -5.50
N CYS C 81 -18.03 2.96 -4.74
CA CYS C 81 -19.26 2.77 -3.99
C CYS C 81 -19.32 3.66 -2.73
N PRO C 82 -20.39 4.42 -2.55
CA PRO C 82 -20.62 5.17 -1.31
C PRO C 82 -20.84 4.26 -0.10
N VAL C 83 -20.37 4.71 1.05
CA VAL C 83 -20.55 4.00 2.31
C VAL C 83 -21.28 4.91 3.27
N VAL C 84 -22.27 4.37 3.99
CA VAL C 84 -23.06 5.14 4.93
C VAL C 84 -23.15 4.46 6.29
N GLU C 85 -23.20 5.26 7.35
CA GLU C 85 -23.44 4.74 8.70
C GLU C 85 -24.88 4.24 8.79
N SER C 86 -25.05 3.09 9.44
CA SER C 86 -26.27 2.27 9.33
C SER C 86 -27.59 2.91 9.82
N HIS C 87 -27.56 3.74 10.86
CA HIS C 87 -28.78 4.43 11.32
C HIS C 87 -28.91 5.87 10.84
N THR C 88 -27.85 6.65 11.00
CA THR C 88 -27.85 8.05 10.58
C THR C 88 -28.01 8.20 9.07
N GLY C 89 -27.41 7.29 8.32
CA GLY C 89 -27.40 7.38 6.86
C GLY C 89 -26.34 8.35 6.35
N ARG C 90 -25.54 8.88 7.27
CA ARG C 90 -24.45 9.81 6.95
C ARG C 90 -23.37 9.13 6.09
N THR C 91 -22.98 9.81 5.03
CA THR C 91 -21.93 9.34 4.14
C THR C 91 -20.58 9.39 4.79
N LEU C 92 -19.85 8.28 4.72
CA LEU C 92 -18.53 8.21 5.27
C LEU C 92 -17.58 8.74 4.22
N ASP C 93 -16.90 9.83 4.53
CA ASP C 93 -15.90 10.37 3.62
C ASP C 93 -14.58 9.63 3.82
N LEU C 94 -13.98 9.22 2.72
CA LEU C 94 -12.81 8.35 2.76
C LEU C 94 -11.69 8.95 1.94
N ARG C 95 -10.47 8.74 2.38
CA ARG C 95 -9.30 9.18 1.65
C ARG C 95 -8.15 8.22 1.86
N ILE C 96 -7.63 7.66 0.79
CA ILE C 96 -6.40 6.87 0.85
C ILE C 96 -5.23 7.81 1.08
N ILE C 97 -4.28 7.41 1.93
CA ILE C 97 -3.07 8.19 2.20
C ILE C 97 -1.85 7.27 1.93
N PRO C 98 -1.40 7.26 0.69
CA PRO C 98 -0.29 6.38 0.26
C PRO C 98 1.05 7.10 0.10
N ARG C 99 2.14 6.35 0.20
CA ARG C 99 3.47 6.88 -0.10
C ARG C 99 4.42 5.73 -0.44
N ILE C 100 5.37 6.02 -1.32
CA ILE C 100 6.45 5.09 -1.63
C ILE C 100 7.68 5.59 -0.88
N ASP C 101 8.38 4.68 -0.20
CA ASP C 101 9.47 5.05 0.69
C ASP C 101 10.84 4.47 0.29
N ARG C 102 10.84 3.70 -0.80
CA ARG C 102 12.05 3.06 -1.31
C ARG C 102 11.80 2.62 -2.76
N GLY C 103 12.85 2.65 -3.56
CA GLY C 103 12.85 2.03 -4.88
C GLY C 103 12.65 2.92 -6.10
N PHE C 104 12.27 4.19 -5.90
CA PHE C 104 12.03 5.12 -7.01
C PHE C 104 12.77 6.44 -6.88
N ASP C 105 13.42 6.83 -7.98
CA ASP C 105 14.15 8.08 -8.06
C ASP C 105 13.55 9.00 -9.10
N HIS C 106 13.59 10.29 -8.81
CA HIS C 106 13.15 11.32 -9.74
C HIS C 106 14.39 11.75 -10.51
N ILE C 107 14.49 11.27 -11.75
CA ILE C 107 15.64 11.55 -12.61
C ILE C 107 15.13 12.22 -13.88
N ASP C 108 15.60 13.45 -14.10
CA ASP C 108 15.14 14.35 -15.17
C ASP C 108 13.71 14.13 -15.64
N GLU C 109 12.80 14.50 -14.76
CA GLU C 109 11.36 14.55 -15.02
C GLU C 109 10.68 13.19 -15.13
N GLU C 110 11.42 12.11 -14.88
CA GLU C 110 10.81 10.77 -14.83
C GLU C 110 10.99 10.15 -13.46
N TRP C 111 10.08 9.26 -13.09
CA TRP C 111 10.23 8.44 -11.89
C TRP C 111 10.71 7.07 -12.32
N VAL C 112 11.84 6.67 -11.78
CA VAL C 112 12.60 5.53 -12.26
C VAL C 112 12.83 4.50 -11.16
N GLY C 113 12.45 3.25 -11.44
CA GLY C 113 12.69 2.13 -10.57
C GLY C 113 13.58 1.13 -11.27
N TYR C 114 14.09 0.16 -10.51
CA TYR C 114 14.93 -0.91 -11.02
C TYR C 114 14.25 -2.26 -10.80
N LYS C 115 14.14 -3.04 -11.87
CA LYS C 115 13.51 -4.35 -11.83
C LYS C 115 14.11 -5.24 -10.73
N ARG C 116 15.42 -5.18 -10.55
CA ARG C 116 16.12 -6.09 -9.64
C ARG C 116 16.00 -5.72 -8.17
N ASN C 117 15.51 -4.51 -7.89
CA ASN C 117 15.60 -3.93 -6.56
C ASN C 117 14.24 -3.83 -5.89
N TYR C 118 14.25 -3.74 -4.56
CA TYR C 118 13.05 -3.59 -3.75
C TYR C 118 12.45 -2.19 -3.86
N PHE C 119 11.12 -2.12 -3.89
CA PHE C 119 10.42 -0.91 -3.48
C PHE C 119 9.54 -1.15 -2.25
N THR C 120 9.21 -0.05 -1.59
CA THR C 120 8.32 -0.05 -0.44
C THR C 120 7.14 0.88 -0.74
N LEU C 121 5.92 0.39 -0.57
CA LEU C 121 4.71 1.19 -0.69
C LEU C 121 3.91 1.01 0.59
N VAL C 122 3.60 2.12 1.25
CA VAL C 122 2.79 2.11 2.47
C VAL C 122 1.51 2.91 2.24
N SER C 123 0.44 2.54 2.95
CA SER C 123 -0.77 3.31 2.89
C SER C 123 -1.62 3.13 4.13
N THR C 124 -2.28 4.20 4.53
CA THR C 124 -3.40 4.13 5.46
C THR C 124 -4.61 4.68 4.72
N PHE C 125 -5.70 4.82 5.45
CA PHE C 125 -6.81 5.64 4.99
C PHE C 125 -7.36 6.43 6.17
N GLU C 126 -8.08 7.50 5.87
CA GLU C 126 -8.72 8.30 6.90
C GLU C 126 -10.18 8.52 6.57
N THR C 127 -10.94 8.79 7.62
CA THR C 127 -12.35 9.09 7.53
C THR C 127 -12.46 10.46 8.19
N ALA C 128 -12.45 11.50 7.36
CA ALA C 128 -12.41 12.89 7.83
C ALA C 128 -13.58 13.29 8.73
N ASN C 129 -14.72 12.65 8.56
CA ASN C 129 -15.92 13.00 9.34
C ASN C 129 -16.22 12.08 10.54
N CYS C 130 -15.29 11.18 10.87
CA CYS C 130 -15.54 10.15 11.88
C CYS C 130 -14.27 9.78 12.64
N ASP C 131 -14.25 10.04 13.95
CA ASP C 131 -13.06 9.70 14.73
C ASP C 131 -13.00 8.17 14.89
N LEU C 132 -11.80 7.63 15.03
CA LEU C 132 -11.59 6.19 15.08
C LEU C 132 -12.41 5.47 16.13
N ASP C 133 -12.47 6.04 17.33
CA ASP C 133 -13.13 5.36 18.43
C ASP C 133 -14.63 5.16 18.13
N THR C 134 -15.26 6.17 17.54
CA THR C 134 -16.66 6.12 17.13
C THR C 134 -16.90 5.16 15.96
N PHE C 135 -16.04 5.28 14.96
CA PHE C 135 -16.02 4.46 13.76
C PHE C 135 -16.03 2.96 14.09
N LEU C 136 -15.19 2.53 15.02
CA LEU C 136 -15.06 1.12 15.36
C LEU C 136 -16.30 0.56 16.07
N LYS C 137 -17.06 1.44 16.73
CA LYS C 137 -18.27 1.04 17.46
C LYS C 137 -19.51 1.07 16.56
N SER C 138 -19.41 1.73 15.41
CA SER C 138 -20.54 1.91 14.50
C SER C 138 -20.61 0.73 13.53
N SER C 139 -21.58 0.79 12.63
CA SER C 139 -21.67 -0.20 11.55
C SER C 139 -22.02 0.54 10.28
N PHE C 140 -21.58 0.00 9.15
CA PHE C 140 -21.63 0.71 7.88
C PHE C 140 -22.18 -0.17 6.77
N ASP C 141 -22.94 0.43 5.87
CA ASP C 141 -23.49 -0.23 4.69
C ASP C 141 -22.98 0.41 3.42
N LEU C 142 -22.91 -0.38 2.36
CA LEU C 142 -22.69 0.10 1.02
C LEU C 142 -24.01 0.57 0.43
N LEU C 143 -23.99 1.73 -0.21
CA LEU C 143 -25.15 2.28 -0.90
C LEU C 143 -24.98 1.93 -2.39
N VAL C 144 -25.52 0.81 -2.82
CA VAL C 144 -25.38 0.37 -4.21
C VAL C 144 -26.50 0.87 -5.13
N GLY C 151 -31.22 -1.54 -1.14
CA GLY C 151 -30.00 -2.09 -1.70
C GLY C 151 -28.78 -1.74 -0.88
N ARG C 152 -28.65 -2.38 0.29
CA ARG C 152 -27.58 -2.11 1.24
C ARG C 152 -26.86 -3.39 1.66
N LEU C 153 -25.54 -3.43 1.43
CA LEU C 153 -24.71 -4.54 1.86
C LEU C 153 -23.92 -4.11 3.09
N ARG C 154 -23.92 -4.94 4.13
CA ARG C 154 -23.20 -4.61 5.36
C ARG C 154 -21.68 -4.77 5.16
N VAL C 155 -20.93 -3.72 5.47
CA VAL C 155 -19.48 -3.79 5.44
C VAL C 155 -18.98 -4.62 6.63
N GLN C 156 -18.25 -5.69 6.34
CA GLN C 156 -17.60 -6.47 7.39
C GLN C 156 -16.32 -5.80 7.88
N TYR C 157 -15.52 -5.33 6.94
CA TYR C 157 -14.31 -4.60 7.26
C TYR C 157 -13.77 -3.86 6.04
N PHE C 158 -12.88 -2.92 6.32
CA PHE C 158 -12.18 -2.17 5.26
C PHE C 158 -10.80 -2.75 5.02
N ALA C 159 -10.32 -2.66 3.79
CA ALA C 159 -9.04 -3.25 3.41
C ALA C 159 -8.43 -2.55 2.21
N ILE C 160 -7.11 -2.67 2.10
CA ILE C 160 -6.38 -2.13 0.96
C ILE C 160 -5.75 -3.25 0.15
N LYS C 161 -5.71 -3.08 -1.17
CA LYS C 161 -4.85 -3.91 -2.01
C LYS C 161 -4.06 -3.03 -2.95
N ILE C 162 -2.94 -3.55 -3.42
CA ILE C 162 -2.15 -2.84 -4.41
C ILE C 162 -2.08 -3.61 -5.70
N LYS C 163 -1.85 -2.89 -6.79
CA LYS C 163 -1.73 -3.47 -8.11
C LYS C 163 -0.69 -2.68 -8.88
N ALA C 164 -0.03 -3.35 -9.82
CA ALA C 164 0.79 -2.68 -10.84
C ALA C 164 0.08 -2.82 -12.17
N LYS C 165 0.15 -1.77 -12.98
CA LYS C 165 -0.45 -1.75 -14.31
C LYS C 165 0.49 -1.16 -15.33
N ASN C 166 0.29 -1.54 -16.59
CA ASN C 166 0.85 -0.82 -17.71
C ASN C 166 -0.04 0.40 -17.84
N ASP C 167 0.54 1.59 -17.67
CA ASP C 167 -0.24 2.82 -17.58
C ASP C 167 -0.80 3.24 -18.94
N ASP C 168 -0.21 2.73 -20.01
CA ASP C 168 -0.69 3.03 -21.36
C ASP C 168 -1.90 2.19 -21.80
N ASP C 169 -2.03 0.96 -21.33
CA ASP C 169 -3.16 0.12 -21.76
C ASP C 169 -3.98 -0.56 -20.66
N ASP C 170 -3.65 -0.26 -19.41
CA ASP C 170 -4.37 -0.77 -18.26
C ASP C 170 -4.18 -2.26 -17.98
N THR C 171 -3.23 -2.91 -18.66
CA THR C 171 -2.95 -4.32 -18.42
C THR C 171 -2.33 -4.48 -17.04
N GLU C 172 -2.77 -5.48 -16.28
CA GLU C 172 -2.19 -5.71 -14.96
C GLU C 172 -0.86 -6.43 -15.05
N ILE C 173 0.08 -6.02 -14.20
CA ILE C 173 1.42 -6.58 -14.10
C ILE C 173 1.58 -7.19 -12.70
N ASN C 174 2.07 -8.42 -12.66
CA ASN C 174 2.26 -9.13 -11.40
C ASN C 174 3.33 -8.48 -10.53
N LEU C 175 3.06 -8.43 -9.23
CA LEU C 175 4.05 -8.02 -8.23
C LEU C 175 4.40 -9.24 -7.35
N VAL C 176 5.63 -9.24 -6.86
CA VAL C 176 6.13 -10.27 -5.96
C VAL C 176 6.75 -9.61 -4.73
N GLN C 177 6.66 -10.28 -3.60
CA GLN C 177 7.33 -9.83 -2.40
C GLN C 177 8.24 -10.94 -1.88
N HIS C 178 9.29 -10.54 -1.18
CA HIS C 178 10.14 -11.47 -0.48
C HIS C 178 10.10 -11.10 1.01
N THR C 179 10.56 -12.03 1.84
CA THR C 179 10.92 -11.71 3.21
C THR C 179 12.35 -11.19 3.20
N ALA C 180 12.83 -10.79 4.36
CA ALA C 180 14.21 -10.33 4.50
C ALA C 180 15.22 -11.39 4.06
N LYS C 181 14.85 -12.67 4.16
CA LYS C 181 15.74 -13.77 3.77
C LYS C 181 15.85 -13.92 2.25
N ARG C 182 14.96 -13.26 1.51
CA ARG C 182 14.99 -13.21 0.05
C ARG C 182 15.00 -14.64 -0.56
N ASP C 183 16.09 -15.07 -1.22
CA ASP C 183 16.10 -16.41 -1.84
C ASP C 183 16.07 -17.56 -0.83
N LYS C 184 16.47 -17.29 0.40
CA LYS C 184 16.42 -18.28 1.48
C LYS C 184 15.07 -18.35 2.18
N GLY C 185 14.09 -17.60 1.67
CA GLY C 185 12.72 -17.63 2.17
C GLY C 185 11.70 -17.65 1.04
N PRO C 186 10.42 -17.66 1.39
CA PRO C 186 9.34 -17.73 0.39
C PRO C 186 9.15 -16.44 -0.41
N GLN C 187 8.61 -16.58 -1.62
CA GLN C 187 8.09 -15.45 -2.39
C GLN C 187 6.58 -15.49 -2.30
N PHE C 188 5.96 -14.33 -2.25
CA PHE C 188 4.50 -14.25 -2.21
C PHE C 188 3.99 -13.03 -2.97
N CYS C 189 2.71 -13.03 -3.32
CA CYS C 189 2.13 -11.88 -4.00
C CYS C 189 1.52 -10.97 -2.93
N PRO C 190 1.54 -9.66 -3.13
CA PRO C 190 0.91 -8.76 -2.15
C PRO C 190 -0.51 -9.21 -1.81
N SER C 191 -0.86 -9.17 -0.54
CA SER C 191 -2.17 -9.60 -0.10
C SER C 191 -3.05 -8.41 0.25
N VAL C 192 -4.35 -8.68 0.34
CA VAL C 192 -5.32 -7.71 0.81
C VAL C 192 -5.07 -7.51 2.30
N CYS C 193 -5.04 -6.27 2.73
CA CYS C 193 -4.66 -5.92 4.10
C CYS C 193 -5.85 -5.27 4.78
N PRO C 194 -6.53 -5.97 5.68
CA PRO C 194 -7.57 -5.34 6.50
C PRO C 194 -6.95 -4.18 7.26
N LEU C 195 -7.61 -3.04 7.32
CA LEU C 195 -7.07 -1.90 8.03
C LEU C 195 -8.15 -1.06 8.71
N VAL C 196 -7.74 -0.38 9.77
CA VAL C 196 -8.55 0.67 10.37
C VAL C 196 -7.90 2.02 10.07
N PRO C 197 -8.70 3.09 10.06
CA PRO C 197 -8.19 4.42 9.72
C PRO C 197 -7.09 4.90 10.66
N SER C 198 -6.06 5.50 10.08
CA SER C 198 -4.91 5.95 10.83
C SER C 198 -4.15 6.98 10.02
N PRO C 199 -3.44 7.89 10.70
CA PRO C 199 -2.49 8.75 10.01
C PRO C 199 -1.35 7.91 9.43
N LEU C 200 -0.81 8.34 8.31
CA LEU C 200 0.33 7.66 7.73
C LEU C 200 1.59 8.01 8.50
N PRO C 201 2.36 7.01 8.95
CA PRO C 201 3.63 7.31 9.61
C PRO C 201 4.61 8.09 8.74
N LYS C 202 5.42 8.90 9.39
CA LYS C 202 6.46 9.66 8.70
C LYS C 202 7.41 8.73 7.97
N HIS C 203 8.04 9.24 6.92
CA HIS C 203 9.08 8.50 6.20
C HIS C 203 10.12 7.91 7.17
N GLN C 204 10.58 8.73 8.11
CA GLN C 204 11.61 8.30 9.06
C GLN C 204 11.16 7.07 9.83
N THR C 205 9.88 7.03 10.19
CA THR C 205 9.36 5.91 10.95
C THR C 205 9.34 4.62 10.15
N ILE C 206 8.93 4.69 8.89
CA ILE C 206 8.94 3.52 8.02
C ILE C 206 10.36 3.00 7.86
N ARG C 207 11.28 3.93 7.61
CA ARG C 207 12.71 3.66 7.54
C ARG C 207 13.24 2.94 8.80
N GLU C 208 12.90 3.45 9.98
CA GLU C 208 13.42 2.90 11.24
C GLU C 208 12.87 1.51 11.57
N ALA C 209 11.63 1.25 11.15
CA ALA C 209 10.96 -0.01 11.44
C ALA C 209 11.18 -1.11 10.40
N SER C 210 11.98 -0.82 9.37
CA SER C 210 12.10 -1.70 8.21
C SER C 210 12.70 -3.09 8.50
N ASN C 211 13.64 -3.16 9.45
CA ASN C 211 14.37 -4.39 9.74
C ASN C 211 14.64 -4.57 11.23
N VAL C 212 13.61 -4.32 12.02
CA VAL C 212 13.68 -4.47 13.48
C VAL C 212 13.38 -5.92 13.87
N ARG C 213 14.17 -6.46 14.80
CA ARG C 213 13.97 -7.81 15.35
C ARG C 213 13.79 -7.80 16.88
N ASN C 214 14.66 -7.06 17.57
CA ASN C 214 14.61 -6.91 19.02
C ASN C 214 13.20 -6.66 19.55
N ILE C 215 12.85 -7.33 20.65
CA ILE C 215 11.48 -7.29 21.14
C ILE C 215 11.12 -5.92 21.71
N THR C 216 12.07 -5.26 22.36
CA THR C 216 11.84 -3.95 22.95
C THR C 216 11.55 -2.87 21.90
N LYS C 217 12.30 -2.89 20.79
CA LYS C 217 12.05 -1.95 19.69
C LYS C 217 10.71 -2.20 19.03
N MET C 218 10.35 -3.48 18.90
CA MET C 218 9.06 -3.88 18.34
C MET C 218 7.89 -3.35 19.18
N LYS C 219 8.07 -3.35 20.49
CA LYS C 219 7.05 -2.84 21.39
C LYS C 219 6.83 -1.34 21.18
N LYS C 220 7.92 -0.62 20.93
CA LYS C 220 7.84 0.83 20.72
C LYS C 220 7.07 1.21 19.44
N TYR C 221 7.08 0.32 18.44
CA TYR C 221 6.37 0.56 17.17
C TYR C 221 5.00 -0.09 17.10
N ASP C 222 4.69 -0.99 18.02
CA ASP C 222 3.47 -1.77 17.97
C ASP C 222 2.23 -0.90 17.79
N SER C 223 2.13 0.17 18.57
CA SER C 223 0.93 1.00 18.59
C SER C 223 0.77 1.81 17.31
N THR C 224 1.86 2.01 16.59
CA THR C 224 1.83 2.69 15.30
C THR C 224 1.24 1.80 14.21
N PHE C 225 1.55 0.52 14.26
CA PHE C 225 1.21 -0.40 13.16
C PHE C 225 0.04 -1.32 13.38
N TYR C 226 -0.35 -1.54 14.64
CA TYR C 226 -1.40 -2.50 14.96
C TYR C 226 -2.41 -2.01 15.99
N LEU C 227 -3.65 -2.44 15.81
CA LEU C 227 -4.67 -2.42 16.85
C LEU C 227 -4.91 -3.86 17.28
N HIS C 228 -4.79 -4.14 18.58
CA HIS C 228 -5.07 -5.49 19.09
C HIS C 228 -6.48 -5.50 19.69
N ARG C 229 -7.42 -6.01 18.91
CA ARG C 229 -8.83 -6.07 19.30
C ARG C 229 -9.01 -6.83 20.60
N ASP C 230 -8.24 -7.90 20.77
CA ASP C 230 -8.32 -8.68 21.99
C ASP C 230 -7.96 -7.91 23.26
N HIS C 231 -7.40 -6.71 23.13
CA HIS C 231 -7.08 -5.86 24.29
C HIS C 231 -8.11 -4.76 24.61
N VAL C 232 -9.15 -4.61 23.79
CA VAL C 232 -10.19 -3.63 24.09
C VAL C 232 -11.14 -4.16 25.16
N ASN C 233 -11.94 -3.27 25.75
CA ASN C 233 -12.98 -3.68 26.66
C ASN C 233 -14.20 -4.09 25.82
N TYR C 234 -14.43 -5.40 25.73
CA TYR C 234 -15.48 -5.98 24.89
C TYR C 234 -16.87 -5.45 25.25
N GLU C 235 -17.07 -5.13 26.52
CA GLU C 235 -18.37 -4.65 26.98
C GLU C 235 -18.78 -3.30 26.41
N GLU C 236 -17.81 -2.54 25.89
CA GLU C 236 -18.10 -1.28 25.24
C GLU C 236 -18.66 -1.42 23.84
N TYR C 237 -18.66 -2.64 23.29
CA TYR C 237 -19.00 -2.88 21.89
C TYR C 237 -20.25 -3.72 21.73
N GLY C 238 -21.06 -3.35 20.75
CA GLY C 238 -22.18 -4.17 20.32
C GLY C 238 -21.71 -5.26 19.39
N VAL C 239 -22.48 -6.34 19.35
CA VAL C 239 -22.18 -7.50 18.54
C VAL C 239 -22.00 -7.17 17.06
N ASP C 240 -22.74 -6.17 16.59
CA ASP C 240 -22.74 -5.77 15.20
C ASP C 240 -21.69 -4.69 14.87
N SER C 241 -20.88 -4.30 15.85
CA SER C 241 -19.88 -3.24 15.63
C SER C 241 -18.86 -3.64 14.58
N LEU C 242 -18.38 -2.65 13.86
CA LEU C 242 -17.40 -2.85 12.81
C LEU C 242 -16.16 -3.57 13.33
N LEU C 243 -15.65 -3.14 14.50
CA LEU C 243 -14.42 -3.72 15.03
C LEU C 243 -14.53 -5.24 15.11
N PHE C 244 -15.70 -5.73 15.51
CA PHE C 244 -15.87 -7.15 15.71
C PHE C 244 -16.25 -7.96 14.49
N SER C 245 -16.36 -7.32 13.33
CA SER C 245 -16.45 -8.09 12.08
C SER C 245 -15.13 -8.11 11.27
N TYR C 246 -14.06 -7.53 11.79
CA TYR C 246 -12.72 -7.72 11.21
C TYR C 246 -12.33 -9.19 11.38
N PRO C 247 -11.57 -9.76 10.43
CA PRO C 247 -11.34 -11.22 10.43
C PRO C 247 -10.40 -11.75 11.52
N GLU C 248 -9.50 -10.92 12.04
CA GLU C 248 -8.51 -11.32 13.04
C GLU C 248 -8.37 -10.26 14.12
N ASP C 249 -7.93 -10.69 15.30
CA ASP C 249 -7.75 -9.77 16.43
C ASP C 249 -6.67 -8.73 16.16
N SER C 250 -5.59 -9.12 15.49
CA SER C 250 -4.52 -8.18 15.18
C SER C 250 -4.88 -7.48 13.87
N ILE C 251 -5.18 -6.18 13.99
CA ILE C 251 -5.63 -5.41 12.85
C ILE C 251 -4.60 -4.35 12.55
N GLN C 252 -4.12 -4.33 11.31
CA GLN C 252 -3.13 -3.34 10.93
C GLN C 252 -3.75 -1.95 10.82
N LYS C 253 -3.00 -0.94 11.24
CA LYS C 253 -3.34 0.46 11.08
C LYS C 253 -2.70 0.99 9.81
N VAL C 254 -1.69 0.28 9.31
CA VAL C 254 -0.92 0.71 8.15
C VAL C 254 -0.66 -0.51 7.28
N ALA C 255 -0.98 -0.40 5.99
CA ALA C 255 -0.61 -1.42 5.03
C ALA C 255 0.81 -1.16 4.57
N ARG C 256 1.70 -2.09 4.85
CA ARG C 256 3.12 -1.92 4.58
C ARG C 256 3.56 -3.01 3.63
N TYR C 257 3.81 -2.64 2.39
CA TYR C 257 4.27 -3.57 1.38
C TYR C 257 5.73 -3.25 1.16
N GLU C 258 6.58 -4.07 1.77
CA GLU C 258 8.03 -3.89 1.68
C GLU C 258 8.63 -5.05 0.91
N ARG C 259 9.82 -4.83 0.36
CA ARG C 259 10.54 -5.82 -0.44
C ARG C 259 9.73 -6.27 -1.64
N VAL C 260 9.06 -5.30 -2.27
CA VAL C 260 8.22 -5.55 -3.43
C VAL C 260 9.05 -5.39 -4.69
N GLN C 261 8.79 -6.23 -5.68
CA GLN C 261 9.35 -6.08 -7.02
C GLN C 261 8.28 -6.34 -8.08
N PHE C 262 8.47 -5.77 -9.26
CA PHE C 262 7.76 -6.24 -10.45
C PHE C 262 8.23 -7.66 -10.75
N ALA C 263 7.32 -8.49 -11.23
CA ALA C 263 7.63 -9.87 -11.58
C ALA C 263 8.81 -9.89 -12.51
N SER C 264 9.63 -10.93 -12.40
CA SER C 264 10.91 -10.97 -13.08
C SER C 264 10.75 -11.14 -14.60
N SER C 265 9.56 -11.54 -15.01
CA SER C 265 9.25 -11.76 -16.42
C SER C 265 8.77 -10.51 -17.15
N ILE C 266 8.69 -9.38 -16.45
CA ILE C 266 8.09 -8.21 -17.07
C ILE C 266 9.05 -7.64 -18.09
N SER C 267 8.49 -7.20 -19.21
CA SER C 267 9.26 -6.59 -20.28
C SER C 267 9.20 -5.09 -20.02
N VAL C 268 10.36 -4.44 -19.94
CA VAL C 268 10.40 -3.02 -19.53
C VAL C 268 10.44 -2.04 -20.69
N LYS C 269 10.65 -2.57 -21.90
CA LYS C 269 10.66 -1.74 -23.09
C LYS C 269 9.59 -2.21 -24.06
N LYS C 270 9.08 -1.26 -24.83
CA LYS C 270 8.18 -1.56 -25.94
C LYS C 270 9.01 -2.04 -27.13
N PRO C 271 8.39 -2.69 -28.11
CA PRO C 271 9.08 -3.06 -29.35
C PRO C 271 9.83 -1.91 -30.05
N SER C 272 9.33 -0.69 -29.91
CA SER C 272 9.99 0.49 -30.47
C SER C 272 11.30 0.86 -29.75
N GLN C 273 11.58 0.17 -28.64
CA GLN C 273 12.69 0.44 -27.69
C GLN C 273 12.43 1.59 -26.72
N GLN C 274 11.29 2.26 -26.87
CA GLN C 274 10.82 3.23 -25.89
C GLN C 274 10.54 2.50 -24.59
N ASN C 275 10.69 3.19 -23.47
CA ASN C 275 10.37 2.58 -22.17
C ASN C 275 8.86 2.39 -22.06
N LYS C 276 8.44 1.27 -21.50
CA LYS C 276 7.07 1.11 -21.09
C LYS C 276 6.81 2.04 -19.90
N HIS C 277 5.56 2.44 -19.74
CA HIS C 277 5.13 3.22 -18.59
C HIS C 277 4.27 2.34 -17.70
N PHE C 278 4.67 2.25 -16.44
CA PHE C 278 3.95 1.51 -15.43
C PHE C 278 3.36 2.47 -14.43
N SER C 279 2.47 1.96 -13.59
CA SER C 279 1.85 2.74 -12.54
C SER C 279 1.44 1.81 -11.39
N LEU C 280 1.70 2.23 -10.16
CA LEU C 280 1.28 1.50 -8.99
C LEU C 280 -0.03 2.08 -8.47
N HIS C 281 -0.97 1.17 -8.18
CA HIS C 281 -2.31 1.53 -7.77
C HIS C 281 -2.56 1.04 -6.34
N VAL C 282 -3.22 1.87 -5.55
CA VAL C 282 -3.72 1.52 -4.23
C VAL C 282 -5.24 1.62 -4.26
N ILE C 283 -5.90 0.55 -3.86
CA ILE C 283 -7.35 0.44 -3.85
C ILE C 283 -7.86 0.18 -2.44
N LEU C 284 -8.79 1.02 -2.00
CA LEU C 284 -9.48 0.84 -0.72
C LEU C 284 -10.82 0.19 -1.03
N GLY C 285 -11.12 -0.89 -0.31
CA GLY C 285 -12.32 -1.66 -0.48
C GLY C 285 -13.06 -1.95 0.82
N ALA C 286 -14.33 -2.31 0.70
CA ALA C 286 -15.12 -2.85 1.79
C ALA C 286 -15.35 -4.31 1.46
N VAL C 287 -15.06 -5.19 2.41
CA VAL C 287 -15.31 -6.61 2.25
C VAL C 287 -16.70 -6.92 2.76
N VAL C 288 -17.49 -7.56 1.92
CA VAL C 288 -18.86 -7.93 2.25
C VAL C 288 -19.15 -9.41 1.98
N ASP C 289 -20.16 -9.93 2.64
CA ASP C 289 -20.66 -11.28 2.39
C ASP C 289 -21.75 -11.21 1.32
N PRO C 290 -21.50 -11.80 0.15
CA PRO C 290 -22.46 -11.74 -0.96
C PRO C 290 -23.66 -12.69 -0.83
N ASP C 291 -23.83 -13.35 0.31
CA ASP C 291 -24.98 -14.22 0.53
C ASP C 291 -26.25 -13.39 0.69
N GLY C 299 -23.69 -4.88 -9.53
CA GLY C 299 -23.20 -4.44 -10.83
C GLY C 299 -22.20 -3.29 -10.73
N ILE C 300 -21.38 -3.33 -9.69
CA ILE C 300 -20.34 -2.31 -9.44
C ILE C 300 -18.98 -2.99 -9.27
N PRO C 301 -17.88 -2.26 -9.40
CA PRO C 301 -16.55 -2.88 -9.38
C PRO C 301 -16.18 -3.58 -8.07
N TYR C 302 -15.67 -4.79 -8.19
CA TYR C 302 -15.29 -5.59 -7.03
C TYR C 302 -14.35 -6.73 -7.46
N ASP C 303 -13.53 -7.19 -6.53
CA ASP C 303 -12.78 -8.44 -6.71
C ASP C 303 -13.29 -9.50 -5.75
N GLU C 304 -13.22 -10.76 -6.16
CA GLU C 304 -13.52 -11.84 -5.26
C GLU C 304 -12.37 -12.00 -4.27
N LEU C 305 -12.69 -12.42 -3.06
CA LEU C 305 -11.73 -12.51 -1.98
C LEU C 305 -11.91 -13.84 -1.23
N ALA C 306 -10.81 -14.50 -0.91
CA ALA C 306 -10.86 -15.69 -0.05
C ALA C 306 -11.23 -15.25 1.38
N LEU C 307 -12.51 -15.44 1.73
CA LEU C 307 -13.04 -14.97 3.00
C LEU C 307 -12.56 -15.83 4.18
N LYS C 308 -12.83 -15.35 5.39
CA LYS C 308 -12.39 -15.99 6.64
C LYS C 308 -13.02 -17.36 6.86
N ASN C 309 -14.36 -17.41 6.87
CA ASN C 309 -15.08 -18.69 7.01
C ASN C 309 -14.93 -19.64 5.81
N GLY C 310 -14.28 -19.18 4.75
CA GLY C 310 -13.94 -20.03 3.62
C GLY C 310 -14.80 -19.78 2.39
N SER C 311 -15.96 -19.16 2.59
CA SER C 311 -16.92 -18.88 1.52
C SER C 311 -16.45 -17.72 0.61
N LYS C 312 -17.21 -17.49 -0.46
CA LYS C 312 -16.88 -16.45 -1.43
C LYS C 312 -17.23 -15.07 -0.90
N GLY C 313 -16.22 -14.23 -0.70
CA GLY C 313 -16.41 -12.85 -0.25
C GLY C 313 -16.19 -11.89 -1.39
N MET C 314 -16.54 -10.63 -1.16
CA MET C 314 -16.45 -9.60 -2.18
C MET C 314 -15.69 -8.39 -1.62
N PHE C 315 -14.60 -8.02 -2.28
CA PHE C 315 -13.85 -6.80 -2.01
C PHE C 315 -14.43 -5.74 -2.93
N VAL C 316 -15.34 -4.93 -2.40
CA VAL C 316 -16.01 -3.90 -3.18
C VAL C 316 -15.20 -2.61 -3.20
N TYR C 317 -14.89 -2.11 -4.39
CA TYR C 317 -14.03 -0.93 -4.52
C TYR C 317 -14.74 0.31 -3.96
N LEU C 318 -14.02 1.10 -3.18
CA LEU C 318 -14.49 2.38 -2.64
C LEU C 318 -13.71 3.56 -3.23
N GLN C 319 -12.39 3.44 -3.35
CA GLN C 319 -11.54 4.50 -3.90
C GLN C 319 -10.26 3.89 -4.42
N GLU C 320 -9.67 4.54 -5.42
CA GLU C 320 -8.43 4.08 -6.04
C GLU C 320 -7.56 5.30 -6.35
N MET C 321 -6.27 5.17 -6.04
CA MET C 321 -5.28 6.17 -6.39
C MET C 321 -4.17 5.49 -7.18
N LYS C 322 -3.39 6.27 -7.92
CA LYS C 322 -2.28 5.71 -8.67
C LYS C 322 -1.12 6.69 -8.78
N THR C 323 0.05 6.18 -9.13
CA THR C 323 1.20 7.04 -9.39
C THR C 323 1.13 7.55 -10.81
N PRO C 324 1.85 8.64 -11.09
CA PRO C 324 2.13 9.01 -12.49
C PRO C 324 2.94 7.90 -13.14
N PRO C 325 3.19 8.01 -14.43
CA PRO C 325 3.96 6.98 -15.14
C PRO C 325 5.34 6.72 -14.50
N LEU C 326 5.71 5.45 -14.44
CA LEU C 326 6.97 4.98 -13.91
C LEU C 326 7.75 4.27 -15.00
N ILE C 327 9.05 4.53 -15.03
CA ILE C 327 10.00 3.78 -15.86
C ILE C 327 10.66 2.74 -14.98
N ILE C 328 10.80 1.53 -15.49
CA ILE C 328 11.52 0.48 -14.79
C ILE C 328 12.72 0.05 -15.63
N ARG C 329 13.89 0.10 -15.03
CA ARG C 329 15.12 -0.27 -15.71
C ARG C 329 15.39 -1.75 -15.49
N GLY C 330 15.65 -2.46 -16.58
CA GLY C 330 15.85 -3.89 -16.53
C GLY C 330 17.29 -4.26 -16.21
N ARG C 331 17.60 -5.52 -16.46
CA ARG C 331 18.87 -6.09 -16.04
C ARG C 331 20.05 -5.80 -16.96
N SER C 332 19.82 -4.99 -18.00
CA SER C 332 20.89 -4.68 -18.95
C SER C 332 22.11 -4.08 -18.25
N PRO C 333 23.32 -4.41 -18.72
CA PRO C 333 24.55 -3.88 -18.12
C PRO C 333 24.63 -2.35 -18.20
N SER C 334 24.06 -1.78 -19.26
CA SER C 334 24.05 -0.33 -19.45
C SER C 334 23.13 0.44 -18.49
N ASN C 335 22.35 -0.27 -17.68
CA ASN C 335 21.58 0.37 -16.60
C ASN C 335 22.37 0.55 -15.30
N TYR C 336 23.63 0.11 -15.30
CA TYR C 336 24.46 0.14 -14.10
C TYR C 336 25.79 0.85 -14.34
N ALA C 337 26.25 1.57 -13.32
CA ALA C 337 27.47 2.36 -13.38
C ALA C 337 28.73 1.51 -13.58
N SER C 338 28.63 0.21 -13.31
CA SER C 338 29.73 -0.73 -13.55
C SER C 338 30.15 -0.79 -15.02
N SER C 339 29.19 -0.60 -15.92
CA SER C 339 29.48 -0.60 -17.36
C SER C 339 30.36 0.58 -17.82
N GLN C 340 30.40 1.65 -17.02
CA GLN C 340 31.17 2.86 -17.33
C GLN C 340 32.52 2.87 -16.62
#